data_7VJK
#
_entry.id   7VJK
#
_cell.length_a   70.550
_cell.length_b   70.550
_cell.length_c   245.700
_cell.angle_alpha   90.00
_cell.angle_beta   90.00
_cell.angle_gamma   90.00
#
_symmetry.space_group_name_H-M   'P 43 21 2'
#
loop_
_entity.id
_entity.type
_entity.pdbx_description
1 polymer 'DNA photolyase'
2 non-polymer 'SULFATE ION'
3 non-polymer 'FLAVIN-ADENINE DINUCLEOTIDE'
4 non-polymer 2,3-DIHYDROXY-1,4-DITHIOBUTANE
5 water water
#
_entity_poly.entity_id   1
_entity_poly.type   'polypeptide(L)'
_entity_poly.pdbx_seq_one_letter_code
;MGSSHHHHHHSSGLVPRGSHMNPKRIRALKSGKQGDGPVVYWMSRDQRAEDNWALLFSRAIAKEANVPVVVVFCLTDEFL
EAGIRQYEFMLKGLQELEVSLSRKKIPSFFLRGDPGEKISRFVKDYNAGTLVTDFSPLRIKNQWIEKVISGISIPFFEVD
AHNVVPCWEASQKHEYAAHTFRPKLYALLPEFLEEFPELEPNSVTPELSAGAGMVETLSDVLETGVKALLPERALLKNKD
PLFEPWHFEPGEKAAKKVMESFIADRLDSYGALRNDPTKNMLSNLSPYLHFGQISSQRVVLEVEKAESNPGSKKAFLDEI
LIWKEISDNFCYYNPGYDGFESFPSWAKESLNAHRNDVRSHIYTLEEFEAGKTHDPLWNASQMELLSTGKMHGYTRMYWA
KKILEWSESPEKALEIAICLNDRYELDGRDPNGYAGIAWSIGGVHDRAWGEREVTGKIRYMSYEGCKRKFDVKLYIEKYS
AL
;
_entity_poly.pdbx_strand_id   A
#
loop_
_chem_comp.id
_chem_comp.type
_chem_comp.name
_chem_comp.formula
DTT non-polymer 2,3-DIHYDROXY-1,4-DITHIOBUTANE 'C4 H10 O2 S2'
FAD non-polymer 'FLAVIN-ADENINE DINUCLEOTIDE' 'C27 H33 N9 O15 P2'
SO4 non-polymer 'SULFATE ION' 'O4 S -2'
#
# COMPACT_ATOMS: atom_id res chain seq x y z
N MET A 21 -9.35 -24.25 4.71
CA MET A 21 -8.94 -23.12 3.90
C MET A 21 -9.82 -22.98 2.67
N ASN A 22 -10.22 -21.75 2.37
CA ASN A 22 -11.14 -21.50 1.27
C ASN A 22 -10.42 -21.57 -0.06
N PRO A 23 -10.86 -22.44 -0.99
CA PRO A 23 -10.22 -22.47 -2.31
C PRO A 23 -10.52 -21.24 -3.16
N LYS A 24 -11.39 -20.34 -2.71
CA LYS A 24 -11.67 -19.11 -3.44
C LYS A 24 -10.53 -18.10 -3.31
N ARG A 25 -9.66 -18.26 -2.31
CA ARG A 25 -8.53 -17.34 -2.15
C ARG A 25 -7.43 -17.59 -3.18
N ILE A 26 -7.39 -18.77 -3.79
CA ILE A 26 -6.33 -19.14 -4.72
C ILE A 26 -6.87 -19.05 -6.14
N ARG A 27 -5.96 -18.70 -7.07
CA ARG A 27 -6.29 -18.63 -8.48
C ARG A 27 -5.17 -19.27 -9.28
N ALA A 28 -5.53 -19.78 -10.47
CA ALA A 28 -4.58 -20.47 -11.33
C ALA A 28 -4.11 -19.50 -12.42
N LEU A 29 -2.80 -19.24 -12.44
CA LEU A 29 -2.20 -18.39 -13.47
C LEU A 29 -1.69 -19.18 -14.66
N LYS A 30 -1.22 -20.41 -14.43
CA LYS A 30 -0.72 -21.26 -15.51
C LYS A 30 -0.63 -22.71 -15.08
N SER A 31 -1.25 -23.61 -15.84
CA SER A 31 -1.11 -25.04 -15.58
C SER A 31 0.18 -25.55 -16.19
N GLY A 32 0.92 -26.36 -15.43
CA GLY A 32 2.20 -26.84 -15.87
C GLY A 32 2.48 -28.24 -15.40
N LYS A 33 3.60 -28.79 -15.85
CA LYS A 33 4.02 -30.12 -15.43
C LYS A 33 4.50 -30.08 -13.99
N GLN A 34 3.85 -30.83 -13.12
CA GLN A 34 4.19 -30.84 -11.69
C GLN A 34 5.54 -31.49 -11.48
N GLY A 35 6.51 -30.71 -10.99
CA GLY A 35 7.80 -31.24 -10.65
C GLY A 35 7.79 -31.99 -9.32
N ASP A 36 8.97 -32.43 -8.90
CA ASP A 36 9.13 -33.17 -7.67
C ASP A 36 9.94 -32.42 -6.62
N GLY A 37 10.24 -31.15 -6.86
CA GLY A 37 11.03 -30.37 -5.94
C GLY A 37 10.18 -29.53 -5.01
N PRO A 38 10.83 -28.65 -4.25
CA PRO A 38 10.08 -27.87 -3.24
C PRO A 38 9.14 -26.86 -3.88
N VAL A 39 7.98 -26.70 -3.25
CA VAL A 39 7.01 -25.70 -3.69
C VAL A 39 7.53 -24.32 -3.32
N VAL A 40 7.83 -23.51 -4.33
CA VAL A 40 8.46 -22.21 -4.14
C VAL A 40 7.38 -21.14 -4.02
N TYR A 41 7.43 -20.37 -2.93
CA TYR A 41 6.50 -19.27 -2.72
C TYR A 41 7.22 -17.96 -3.08
N TRP A 42 6.74 -17.31 -4.13
CA TRP A 42 7.29 -16.03 -4.58
C TRP A 42 6.62 -14.92 -3.78
N MET A 43 7.15 -14.68 -2.59
CA MET A 43 6.64 -13.62 -1.73
C MET A 43 7.00 -12.26 -2.31
N SER A 44 6.05 -11.32 -2.25
CA SER A 44 6.26 -10.00 -2.82
C SER A 44 5.52 -8.92 -2.03
N ARG A 45 4.20 -9.04 -1.94
CA ARG A 45 3.39 -8.02 -1.28
C ARG A 45 3.19 -8.28 0.20
N ASP A 46 3.11 -9.55 0.61
CA ASP A 46 2.85 -9.92 2.01
C ASP A 46 4.14 -10.48 2.60
N GLN A 47 4.93 -9.60 3.24
CA GLN A 47 6.20 -9.99 3.84
C GLN A 47 5.98 -10.25 5.33
N ARG A 48 5.52 -11.47 5.63
CA ARG A 48 5.28 -11.88 7.01
C ARG A 48 5.18 -13.39 7.06
N ALA A 49 5.46 -13.95 8.24
CA ALA A 49 5.36 -15.38 8.46
C ALA A 49 4.00 -15.79 9.02
N GLU A 50 3.37 -14.93 9.80
CA GLU A 50 2.06 -15.20 10.38
C GLU A 50 0.97 -14.59 9.52
N ASP A 51 -0.20 -15.25 9.54
CA ASP A 51 -1.41 -14.75 8.87
C ASP A 51 -1.18 -14.53 7.38
N ASN A 52 -0.34 -15.35 6.75
CA ASN A 52 -0.06 -15.27 5.32
C ASN A 52 -0.77 -16.44 4.64
N TRP A 53 -1.88 -16.15 3.96
CA TRP A 53 -2.62 -17.21 3.27
C TRP A 53 -1.77 -17.88 2.21
N ALA A 54 -1.05 -17.07 1.41
CA ALA A 54 -0.22 -17.63 0.35
C ALA A 54 0.88 -18.54 0.92
N LEU A 55 1.42 -18.17 2.07
CA LEU A 55 2.41 -19.02 2.72
C LEU A 55 1.77 -20.29 3.27
N LEU A 56 0.51 -20.21 3.71
CA LEU A 56 -0.17 -21.39 4.22
C LEU A 56 -0.67 -22.27 3.07
N PHE A 57 -1.15 -21.66 1.99
CA PHE A 57 -1.52 -22.43 0.81
C PHE A 57 -0.32 -23.15 0.21
N SER A 58 0.85 -22.50 0.26
CA SER A 58 2.08 -23.12 -0.24
C SER A 58 2.59 -24.21 0.70
N ARG A 59 2.24 -24.15 1.98
CA ARG A 59 2.66 -25.19 2.91
C ARG A 59 1.78 -26.43 2.80
N ALA A 60 0.49 -26.25 2.52
CA ALA A 60 -0.39 -27.40 2.38
C ALA A 60 -0.12 -28.17 1.10
N ILE A 61 0.09 -27.47 -0.01
CA ILE A 61 0.41 -28.14 -1.27
C ILE A 61 1.77 -28.81 -1.17
N ALA A 62 2.67 -28.26 -0.36
CA ALA A 62 3.96 -28.91 -0.13
C ALA A 62 3.81 -30.16 0.72
N LYS A 63 2.87 -30.15 1.68
CA LYS A 63 2.63 -31.34 2.50
C LYS A 63 1.99 -32.46 1.69
N GLU A 64 1.05 -32.12 0.81
CA GLU A 64 0.41 -33.15 -0.02
C GLU A 64 1.39 -33.75 -1.02
N ALA A 65 2.41 -33.00 -1.40
CA ALA A 65 3.42 -33.50 -2.33
C ALA A 65 4.60 -34.16 -1.62
N ASN A 66 4.58 -34.21 -0.28
CA ASN A 66 5.68 -34.76 0.51
C ASN A 66 7.00 -34.08 0.17
N VAL A 67 6.94 -32.75 0.09
CA VAL A 67 8.08 -31.93 -0.34
C VAL A 67 8.14 -30.68 0.52
N PRO A 68 9.35 -30.19 0.78
CA PRO A 68 9.48 -28.99 1.62
C PRO A 68 8.99 -27.74 0.89
N VAL A 69 8.76 -26.69 1.67
CA VAL A 69 8.31 -25.40 1.15
C VAL A 69 9.45 -24.40 1.29
N VAL A 70 9.63 -23.58 0.26
CA VAL A 70 10.67 -22.55 0.25
C VAL A 70 10.04 -21.26 -0.24
N VAL A 71 10.46 -20.14 0.35
CA VAL A 71 10.02 -18.82 -0.07
C VAL A 71 11.16 -18.14 -0.80
N VAL A 72 10.80 -17.18 -1.65
CA VAL A 72 11.77 -16.42 -2.42
C VAL A 72 11.25 -14.98 -2.57
N PHE A 73 12.15 -14.03 -2.38
CA PHE A 73 11.84 -12.61 -2.55
C PHE A 73 12.81 -12.02 -3.55
N CYS A 74 12.30 -11.13 -4.41
CA CYS A 74 13.09 -10.51 -5.46
CA CYS A 74 13.09 -10.51 -5.46
C CYS A 74 13.22 -9.02 -5.18
N LEU A 75 14.47 -8.57 -5.00
CA LEU A 75 14.76 -7.15 -4.80
C LEU A 75 14.94 -6.54 -6.18
N THR A 76 13.89 -5.89 -6.67
CA THR A 76 13.84 -5.47 -8.06
C THR A 76 14.79 -4.31 -8.32
N ASP A 77 15.02 -4.05 -9.60
CA ASP A 77 15.88 -2.95 -10.04
C ASP A 77 15.22 -1.58 -9.89
N GLU A 78 13.91 -1.54 -9.61
CA GLU A 78 13.18 -0.29 -9.50
C GLU A 78 13.21 0.29 -8.09
N PHE A 79 14.11 -0.19 -7.23
CA PHE A 79 14.17 0.32 -5.86
C PHE A 79 14.80 1.70 -5.80
N LEU A 80 15.50 2.13 -6.85
CA LEU A 80 16.03 3.49 -6.90
C LEU A 80 14.96 4.53 -7.19
N GLU A 81 13.78 4.11 -7.66
CA GLU A 81 12.70 5.04 -7.89
C GLU A 81 12.09 5.56 -6.60
N ALA A 82 12.32 4.87 -5.48
CA ALA A 82 11.82 5.32 -4.18
C ALA A 82 12.93 6.04 -3.42
N GLY A 83 13.07 5.74 -2.14
CA GLY A 83 14.08 6.38 -1.32
C GLY A 83 14.62 5.42 -0.28
N ILE A 84 15.50 5.96 0.57
CA ILE A 84 16.09 5.17 1.64
C ILE A 84 15.02 4.76 2.65
N ARG A 85 14.00 5.59 2.84
CA ARG A 85 12.99 5.32 3.86
C ARG A 85 12.22 4.03 3.55
N GLN A 86 11.96 3.76 2.27
CA GLN A 86 11.25 2.54 1.91
C GLN A 86 12.19 1.35 1.79
N TYR A 87 13.46 1.59 1.43
CA TYR A 87 14.41 0.49 1.30
C TYR A 87 14.84 -0.03 2.66
N GLU A 88 14.99 0.87 3.65
CA GLU A 88 15.40 0.43 4.98
C GLU A 88 14.24 -0.18 5.75
N PHE A 89 13.04 0.38 5.61
CA PHE A 89 11.88 -0.16 6.32
C PHE A 89 11.54 -1.56 5.84
N MET A 90 11.71 -1.82 4.54
CA MET A 90 11.35 -3.12 3.99
C MET A 90 12.42 -4.16 4.25
N LEU A 91 13.70 -3.77 4.20
CA LEU A 91 14.77 -4.73 4.42
CA LEU A 91 14.79 -4.71 4.43
C LEU A 91 14.88 -5.11 5.90
N LYS A 92 14.68 -4.14 6.80
CA LYS A 92 14.76 -4.43 8.22
C LYS A 92 13.71 -5.45 8.65
N GLY A 93 12.53 -5.43 8.02
CA GLY A 93 11.54 -6.45 8.27
C GLY A 93 11.93 -7.80 7.71
N LEU A 94 12.63 -7.81 6.56
CA LEU A 94 13.08 -9.07 5.98
C LEU A 94 14.21 -9.68 6.80
N GLN A 95 15.05 -8.85 7.43
CA GLN A 95 16.06 -9.37 8.34
C GLN A 95 15.43 -10.06 9.55
N GLU A 96 14.23 -9.64 9.93
CA GLU A 96 13.46 -10.30 10.97
C GLU A 96 12.65 -11.47 10.43
N LEU A 97 12.22 -11.40 9.17
CA LEU A 97 11.44 -12.49 8.59
C LEU A 97 12.30 -13.72 8.33
N GLU A 98 13.57 -13.51 7.94
CA GLU A 98 14.46 -14.64 7.68
C GLU A 98 14.66 -15.48 8.93
N VAL A 99 14.71 -14.83 10.10
CA VAL A 99 14.86 -15.55 11.35
C VAL A 99 13.61 -16.37 11.65
N SER A 100 12.44 -15.73 11.59
CA SER A 100 11.20 -16.42 11.91
C SER A 100 10.92 -17.56 10.94
N LEU A 101 11.24 -17.36 9.65
CA LEU A 101 11.06 -18.42 8.68
C LEU A 101 12.02 -19.58 8.93
N SER A 102 13.22 -19.29 9.42
CA SER A 102 14.16 -20.36 9.76
C SER A 102 13.76 -21.11 11.03
N ARG A 103 12.98 -20.48 11.91
CA ARG A 103 12.49 -21.18 13.10
C ARG A 103 11.49 -22.27 12.76
N LYS A 104 10.85 -22.18 11.59
CA LYS A 104 9.96 -23.22 11.10
C LYS A 104 10.62 -24.07 10.02
N LYS A 105 11.94 -24.03 9.93
CA LYS A 105 12.71 -24.80 8.95
C LYS A 105 12.33 -24.44 7.51
N ILE A 106 11.97 -23.18 7.29
CA ILE A 106 11.63 -22.67 5.97
C ILE A 106 12.75 -21.71 5.54
N PRO A 107 13.59 -22.09 4.58
CA PRO A 107 14.69 -21.21 4.18
C PRO A 107 14.21 -20.15 3.18
N SER A 108 14.73 -18.94 3.36
CA SER A 108 14.40 -17.81 2.50
C SER A 108 15.57 -17.51 1.57
N PHE A 109 15.26 -17.24 0.31
CA PHE A 109 16.26 -16.93 -0.71
C PHE A 109 15.92 -15.60 -1.34
N PHE A 110 16.84 -14.64 -1.26
CA PHE A 110 16.62 -13.27 -1.74
C PHE A 110 17.46 -13.05 -2.99
N LEU A 111 16.81 -13.07 -4.15
CA LEU A 111 17.49 -12.79 -5.41
C LEU A 111 17.39 -11.32 -5.75
N ARG A 112 18.49 -10.77 -6.28
CA ARG A 112 18.56 -9.36 -6.66
C ARG A 112 18.60 -9.27 -8.17
N GLY A 113 17.62 -8.59 -8.76
CA GLY A 113 17.56 -8.39 -10.18
C GLY A 113 16.13 -8.51 -10.68
N ASP A 114 16.03 -8.69 -12.00
CA ASP A 114 14.72 -8.78 -12.64
C ASP A 114 14.01 -10.07 -12.21
N PRO A 115 12.77 -10.00 -11.72
CA PRO A 115 12.05 -11.24 -11.38
C PRO A 115 11.87 -12.19 -12.55
N GLY A 116 11.70 -11.65 -13.76
CA GLY A 116 11.52 -12.53 -14.91
C GLY A 116 12.71 -13.45 -15.14
N GLU A 117 13.92 -12.96 -14.88
CA GLU A 117 15.12 -13.76 -15.03
C GLU A 117 15.50 -14.47 -13.74
N LYS A 118 15.17 -13.90 -12.58
CA LYS A 118 15.58 -14.51 -11.31
C LYS A 118 14.66 -15.65 -10.91
N ILE A 119 13.35 -15.48 -11.07
CA ILE A 119 12.41 -16.54 -10.68
C ILE A 119 12.50 -17.71 -11.65
N SER A 120 12.60 -17.44 -12.95
CA SER A 120 12.69 -18.52 -13.92
C SER A 120 13.99 -19.30 -13.79
N ARG A 121 15.09 -18.62 -13.41
CA ARG A 121 16.35 -19.32 -13.22
C ARG A 121 16.39 -20.06 -11.90
N PHE A 122 15.77 -19.50 -10.86
CA PHE A 122 15.73 -20.18 -9.57
C PHE A 122 14.84 -21.41 -9.63
N VAL A 123 13.74 -21.34 -10.35
CA VAL A 123 12.86 -22.50 -10.49
C VAL A 123 13.55 -23.61 -11.26
N LYS A 124 14.34 -23.25 -12.29
CA LYS A 124 15.03 -24.26 -13.08
C LYS A 124 16.23 -24.83 -12.35
N ASP A 125 16.96 -23.99 -11.61
CA ASP A 125 18.16 -24.46 -10.90
C ASP A 125 17.81 -25.39 -9.75
N TYR A 126 16.66 -25.19 -9.10
CA TYR A 126 16.29 -25.93 -7.91
C TYR A 126 15.24 -27.00 -8.19
N ASN A 127 14.87 -27.20 -9.45
CA ASN A 127 13.90 -28.23 -9.84
C ASN A 127 12.58 -28.03 -9.11
N ALA A 128 12.04 -26.81 -9.19
CA ALA A 128 10.82 -26.48 -8.47
C ALA A 128 9.64 -27.27 -9.01
N GLY A 129 8.71 -27.59 -8.11
CA GLY A 129 7.52 -28.35 -8.48
C GLY A 129 6.31 -27.48 -8.72
N THR A 130 6.13 -26.46 -7.88
CA THR A 130 5.00 -25.54 -8.02
C THR A 130 5.42 -24.17 -7.52
N LEU A 131 4.95 -23.13 -8.20
CA LEU A 131 5.28 -21.74 -7.86
C LEU A 131 4.04 -21.05 -7.33
N VAL A 132 4.19 -20.37 -6.18
CA VAL A 132 3.11 -19.64 -5.54
C VAL A 132 3.56 -18.21 -5.33
N THR A 133 2.61 -17.27 -5.44
CA THR A 133 2.91 -15.87 -5.23
C THR A 133 1.68 -15.18 -4.64
N ASP A 134 1.91 -14.11 -3.90
CA ASP A 134 0.82 -13.31 -3.38
C ASP A 134 0.22 -12.44 -4.47
N PHE A 135 -0.96 -11.91 -4.21
CA PHE A 135 -1.72 -11.14 -5.20
C PHE A 135 -1.45 -9.65 -5.04
N SER A 136 -1.25 -8.97 -6.16
CA SER A 136 -1.11 -7.52 -6.22
C SER A 136 -1.63 -7.02 -7.55
N PRO A 137 -2.64 -6.15 -7.56
CA PRO A 137 -3.23 -5.68 -8.82
C PRO A 137 -2.46 -4.57 -9.51
N LEU A 138 -1.23 -4.28 -9.10
CA LEU A 138 -0.46 -3.20 -9.69
C LEU A 138 0.11 -3.61 -11.04
N ARG A 139 0.35 -2.61 -11.90
CA ARG A 139 0.85 -2.89 -13.24
C ARG A 139 2.26 -3.46 -13.21
N ILE A 140 3.08 -3.05 -12.23
CA ILE A 140 4.45 -3.56 -12.18
C ILE A 140 4.47 -5.04 -11.82
N LYS A 141 3.47 -5.51 -11.06
CA LYS A 141 3.42 -6.91 -10.70
C LYS A 141 2.99 -7.76 -11.90
N ASN A 142 1.95 -7.34 -12.61
CA ASN A 142 1.52 -8.04 -13.81
C ASN A 142 2.61 -8.05 -14.88
N GLN A 143 3.54 -7.09 -14.82
CA GLN A 143 4.68 -7.10 -15.73
C GLN A 143 5.62 -8.27 -15.40
N TRP A 144 5.82 -8.55 -14.12
CA TRP A 144 6.68 -9.67 -13.73
CA TRP A 144 6.68 -9.67 -13.74
C TRP A 144 6.01 -11.01 -14.03
N ILE A 145 4.71 -11.12 -13.76
CA ILE A 145 3.99 -12.38 -13.99
C ILE A 145 3.98 -12.71 -15.47
N GLU A 146 3.90 -11.70 -16.34
CA GLU A 146 3.92 -11.96 -17.77
C GLU A 146 5.25 -12.55 -18.22
N LYS A 147 6.35 -12.17 -17.56
CA LYS A 147 7.65 -12.63 -17.97
C LYS A 147 7.98 -14.01 -17.41
N VAL A 148 7.60 -14.27 -16.15
CA VAL A 148 7.93 -15.55 -15.54
C VAL A 148 7.09 -16.68 -16.14
N ILE A 149 5.86 -16.37 -16.57
CA ILE A 149 5.01 -17.41 -17.16
C ILE A 149 5.60 -17.92 -18.45
N SER A 150 6.20 -17.03 -19.25
CA SER A 150 6.80 -17.42 -20.52
C SER A 150 8.04 -18.28 -20.36
N GLY A 151 8.59 -18.38 -19.15
CA GLY A 151 9.82 -19.14 -18.95
C GLY A 151 9.74 -20.23 -17.90
N ILE A 152 8.53 -20.67 -17.56
CA ILE A 152 8.33 -21.76 -16.61
C ILE A 152 7.42 -22.80 -17.23
N SER A 153 7.57 -24.04 -16.77
CA SER A 153 6.73 -25.15 -17.22
C SER A 153 6.04 -25.86 -16.07
N ILE A 154 6.01 -25.27 -14.89
CA ILE A 154 5.40 -25.88 -13.70
C ILE A 154 4.14 -25.11 -13.36
N PRO A 155 3.22 -25.66 -12.57
CA PRO A 155 2.02 -24.91 -12.20
C PRO A 155 2.36 -23.61 -11.48
N PHE A 156 1.52 -22.61 -11.70
CA PHE A 156 1.72 -21.27 -11.15
C PHE A 156 0.39 -20.79 -10.58
N PHE A 157 0.36 -20.57 -9.26
CA PHE A 157 -0.82 -20.12 -8.56
C PHE A 157 -0.57 -18.77 -7.90
N GLU A 158 -1.64 -18.02 -7.69
CA GLU A 158 -1.60 -16.78 -6.93
C GLU A 158 -2.69 -16.81 -5.88
N VAL A 159 -2.38 -16.23 -4.72
CA VAL A 159 -3.29 -16.26 -3.56
C VAL A 159 -3.47 -14.82 -3.07
N ASP A 160 -4.72 -14.47 -2.76
CA ASP A 160 -5.05 -13.16 -2.22
C ASP A 160 -4.84 -13.20 -0.71
N ALA A 161 -3.66 -12.79 -0.28
CA ALA A 161 -3.32 -12.75 1.14
C ALA A 161 -3.45 -11.36 1.74
N HIS A 162 -3.80 -10.36 0.95
CA HIS A 162 -3.90 -8.99 1.44
C HIS A 162 -5.33 -8.63 1.85
N ASN A 163 -6.30 -8.99 1.03
CA ASN A 163 -7.69 -8.66 1.30
C ASN A 163 -8.37 -9.78 2.08
N VAL A 164 -9.33 -9.41 2.92
CA VAL A 164 -10.12 -10.39 3.64
C VAL A 164 -10.97 -11.19 2.66
N VAL A 165 -11.73 -10.51 1.81
CA VAL A 165 -12.48 -11.14 0.73
C VAL A 165 -11.60 -11.08 -0.52
N PRO A 166 -11.45 -12.17 -1.27
CA PRO A 166 -10.64 -12.13 -2.48
C PRO A 166 -11.09 -11.03 -3.43
N CYS A 167 -10.12 -10.36 -4.06
CA CYS A 167 -10.44 -9.21 -4.90
C CYS A 167 -11.33 -9.60 -6.08
N TRP A 168 -11.18 -10.82 -6.60
CA TRP A 168 -12.03 -11.29 -7.68
C TRP A 168 -13.36 -11.83 -7.20
N GLU A 169 -13.54 -11.98 -5.88
CA GLU A 169 -14.78 -12.48 -5.30
C GLU A 169 -15.64 -11.40 -4.66
N ALA A 170 -15.03 -10.30 -4.20
CA ALA A 170 -15.81 -9.22 -3.62
C ALA A 170 -16.75 -8.60 -4.64
N SER A 171 -16.33 -8.54 -5.90
CA SER A 171 -17.15 -8.03 -6.99
C SER A 171 -16.52 -8.45 -8.31
N GLN A 172 -17.36 -8.62 -9.33
CA GLN A 172 -16.90 -9.00 -10.66
C GLN A 172 -16.73 -7.80 -11.59
N LYS A 173 -16.73 -6.58 -11.04
CA LYS A 173 -16.62 -5.38 -11.84
C LYS A 173 -16.18 -4.23 -10.96
N HIS A 174 -15.87 -3.10 -11.59
CA HIS A 174 -15.47 -1.91 -10.86
C HIS A 174 -16.67 -1.30 -10.15
N GLU A 175 -16.53 -1.06 -8.86
CA GLU A 175 -17.59 -0.45 -8.06
C GLU A 175 -17.37 1.06 -8.04
N TYR A 176 -18.39 1.81 -8.47
CA TYR A 176 -18.29 3.25 -8.64
C TYR A 176 -18.41 4.03 -7.33
N ALA A 177 -18.79 3.38 -6.24
CA ALA A 177 -18.98 4.08 -4.97
C ALA A 177 -18.71 3.12 -3.82
N ALA A 178 -18.68 3.69 -2.61
CA ALA A 178 -18.48 2.88 -1.42
C ALA A 178 -19.78 2.28 -0.90
N HIS A 179 -20.91 2.96 -1.13
CA HIS A 179 -22.20 2.44 -0.69
C HIS A 179 -22.65 1.25 -1.53
N THR A 180 -22.05 1.03 -2.70
CA THR A 180 -22.36 -0.13 -3.52
C THR A 180 -21.36 -1.26 -3.36
N PHE A 181 -20.16 -0.98 -2.85
CA PHE A 181 -19.20 -2.02 -2.52
C PHE A 181 -19.32 -2.51 -1.09
N ARG A 182 -20.01 -1.76 -0.23
CA ARG A 182 -20.17 -2.17 1.16
CA ARG A 182 -20.16 -2.17 1.16
C ARG A 182 -21.06 -3.39 1.32
N PRO A 183 -22.27 -3.45 0.73
CA PRO A 183 -23.12 -4.63 0.95
C PRO A 183 -22.60 -5.90 0.27
N LYS A 184 -21.66 -5.79 -0.66
CA LYS A 184 -21.08 -6.98 -1.25
C LYS A 184 -19.94 -7.54 -0.39
N LEU A 185 -19.12 -6.67 0.17
CA LEU A 185 -18.02 -7.11 1.01
C LEU A 185 -18.52 -7.55 2.39
N TYR A 186 -19.54 -6.87 2.91
CA TYR A 186 -20.04 -7.20 4.25
C TYR A 186 -20.82 -8.51 4.23
N ALA A 187 -21.56 -8.78 3.16
CA ALA A 187 -22.28 -10.04 3.06
C ALA A 187 -21.34 -11.22 2.90
N LEU A 188 -20.12 -11.00 2.45
CA LEU A 188 -19.12 -12.05 2.30
C LEU A 188 -18.18 -12.13 3.50
N LEU A 189 -18.33 -11.24 4.48
CA LEU A 189 -17.54 -11.34 5.70
C LEU A 189 -17.81 -12.61 6.51
N PRO A 190 -19.04 -13.08 6.67
CA PRO A 190 -19.25 -14.33 7.42
C PRO A 190 -18.57 -15.54 6.81
N GLU A 191 -18.13 -15.46 5.56
CA GLU A 191 -17.47 -16.59 4.90
C GLU A 191 -15.96 -16.47 4.86
N PHE A 192 -15.42 -15.25 4.80
CA PHE A 192 -13.97 -15.06 4.63
C PHE A 192 -13.29 -14.48 5.85
N LEU A 193 -14.01 -13.82 6.75
CA LEU A 193 -13.43 -13.30 7.99
C LEU A 193 -13.35 -14.45 8.98
N GLU A 194 -12.21 -15.13 8.99
CA GLU A 194 -12.02 -16.33 9.80
C GLU A 194 -10.66 -16.27 10.48
N GLU A 195 -10.46 -17.19 11.43
CA GLU A 195 -9.19 -17.27 12.13
C GLU A 195 -8.14 -17.94 11.25
N PHE A 196 -6.87 -17.70 11.61
CA PHE A 196 -5.78 -18.27 10.83
C PHE A 196 -5.29 -19.57 11.47
N PRO A 197 -5.01 -20.59 10.66
CA PRO A 197 -4.43 -21.82 11.19
C PRO A 197 -2.94 -21.66 11.43
N GLU A 198 -2.39 -22.60 12.20
CA GLU A 198 -0.98 -22.54 12.56
C GLU A 198 -0.09 -22.87 11.37
N LEU A 199 1.01 -22.15 11.23
CA LEU A 199 1.99 -22.41 10.19
C LEU A 199 2.85 -23.60 10.63
N GLU A 200 2.55 -24.76 10.08
CA GLU A 200 3.30 -25.96 10.43
C GLU A 200 4.71 -25.86 9.87
N PRO A 201 5.72 -26.25 10.65
CA PRO A 201 7.10 -26.18 10.16
C PRO A 201 7.41 -27.33 9.20
N ASN A 202 8.53 -27.20 8.52
CA ASN A 202 8.96 -28.23 7.58
C ASN A 202 9.35 -29.49 8.33
N SER A 203 9.24 -30.63 7.65
CA SER A 203 9.59 -31.90 8.26
C SER A 203 11.09 -32.01 8.49
N VAL A 204 11.90 -31.46 7.59
CA VAL A 204 13.35 -31.50 7.73
C VAL A 204 13.99 -30.33 6.99
N VAL A 215 21.13 -13.73 -3.79
CA VAL A 215 21.79 -14.85 -3.13
C VAL A 215 22.98 -14.36 -2.31
N GLU A 216 22.70 -13.56 -1.29
CA GLU A 216 23.73 -13.02 -0.42
C GLU A 216 23.08 -12.61 0.90
N THR A 217 23.85 -11.94 1.75
CA THR A 217 23.35 -11.48 3.04
C THR A 217 22.54 -10.20 2.87
N LEU A 218 21.40 -10.13 3.56
CA LEU A 218 20.54 -8.97 3.45
C LEU A 218 21.22 -7.71 3.97
N SER A 219 22.19 -7.85 4.88
CA SER A 219 22.92 -6.69 5.36
C SER A 219 23.77 -6.07 4.26
N ASP A 220 24.36 -6.91 3.40
CA ASP A 220 25.14 -6.39 2.28
C ASP A 220 24.26 -5.75 1.23
N VAL A 221 23.02 -6.23 1.07
CA VAL A 221 22.10 -5.61 0.12
C VAL A 221 21.63 -4.26 0.63
N LEU A 222 21.50 -4.11 1.95
CA LEU A 222 21.11 -2.82 2.51
C LEU A 222 22.24 -1.81 2.44
N GLU A 223 23.48 -2.26 2.63
CA GLU A 223 24.62 -1.35 2.59
C GLU A 223 24.85 -0.84 1.18
N THR A 224 24.87 -1.74 0.19
CA THR A 224 25.10 -1.32 -1.19
C THR A 224 23.89 -0.61 -1.78
N GLY A 225 22.68 -0.97 -1.34
CA GLY A 225 21.50 -0.30 -1.85
C GLY A 225 21.36 1.12 -1.32
N VAL A 226 21.62 1.32 -0.03
CA VAL A 226 21.57 2.66 0.54
C VAL A 226 22.66 3.54 -0.07
N LYS A 227 23.83 2.94 -0.36
CA LYS A 227 24.91 3.71 -0.96
C LYS A 227 24.52 4.30 -2.30
N ALA A 228 23.74 3.56 -3.09
CA ALA A 228 23.26 4.06 -4.37
C ALA A 228 22.09 5.01 -4.24
N LEU A 229 21.51 5.14 -3.04
CA LEU A 229 20.38 6.03 -2.81
C LEU A 229 20.76 7.30 -2.05
N LEU A 230 22.00 7.40 -1.55
CA LEU A 230 22.41 8.58 -0.81
C LEU A 230 22.39 9.86 -1.64
N PRO A 231 22.81 9.89 -2.90
CA PRO A 231 22.75 11.15 -3.66
C PRO A 231 21.35 11.74 -3.76
N GLU A 232 20.31 10.90 -3.82
CA GLU A 232 18.93 11.37 -3.90
CA GLU A 232 18.93 11.37 -3.90
C GLU A 232 18.23 11.38 -2.55
N ARG A 233 18.98 11.56 -1.47
CA ARG A 233 18.40 11.63 -0.14
C ARG A 233 17.83 13.01 0.12
N ALA A 234 16.62 13.04 0.69
CA ALA A 234 15.94 14.30 0.96
C ALA A 234 16.66 15.05 2.07
N LEU A 235 17.38 16.11 1.71
CA LEU A 235 18.15 16.90 2.64
C LEU A 235 17.56 18.30 2.76
N LEU A 236 17.93 18.97 3.86
CA LEU A 236 17.54 20.36 4.06
C LEU A 236 18.66 21.27 3.57
N LYS A 237 18.60 22.55 3.95
CA LYS A 237 19.64 23.48 3.54
C LYS A 237 20.94 23.25 4.31
N ASN A 238 20.85 22.78 5.55
CA ASN A 238 22.00 22.53 6.40
C ASN A 238 22.66 21.18 6.13
N LYS A 239 22.41 20.57 4.97
CA LYS A 239 23.00 19.30 4.57
C LYS A 239 22.66 18.18 5.55
N ASP A 240 21.49 18.28 6.20
CA ASP A 240 21.02 17.22 7.08
C ASP A 240 19.77 16.58 6.51
N PRO A 241 19.62 15.27 6.64
CA PRO A 241 18.47 14.58 6.03
C PRO A 241 17.15 14.99 6.70
N LEU A 242 16.07 14.76 5.97
CA LEU A 242 14.74 15.12 6.45
C LEU A 242 14.02 13.97 7.13
N PHE A 243 14.25 12.74 6.69
CA PHE A 243 13.49 11.60 7.19
C PHE A 243 13.84 11.33 8.65
N GLU A 244 12.81 11.20 9.48
CA GLU A 244 12.97 10.83 10.88
C GLU A 244 12.59 9.36 11.02
N PRO A 245 13.54 8.44 11.10
CA PRO A 245 13.21 7.01 11.05
C PRO A 245 12.86 6.41 12.40
N TRP A 246 12.56 7.24 13.38
CA TRP A 246 12.20 6.78 14.71
C TRP A 246 10.69 6.77 14.96
N HIS A 247 9.89 7.15 13.95
CA HIS A 247 8.45 7.20 14.13
C HIS A 247 7.83 5.80 14.09
N PHE A 248 8.17 5.01 13.09
CA PHE A 248 7.58 3.69 12.89
C PHE A 248 8.70 2.67 12.74
N GLU A 249 9.01 1.97 13.83
CA GLU A 249 10.01 0.92 13.76
CA GLU A 249 10.00 0.91 13.78
C GLU A 249 9.45 -0.27 12.97
N PRO A 250 10.25 -0.87 12.09
CA PRO A 250 9.75 -1.95 11.24
C PRO A 250 9.87 -3.31 11.90
N GLY A 251 9.20 -4.29 11.28
CA GLY A 251 9.22 -5.66 11.75
C GLY A 251 7.85 -6.23 12.01
N GLU A 252 7.73 -7.55 11.94
CA GLU A 252 6.44 -8.19 12.22
C GLU A 252 6.06 -8.06 13.69
N LYS A 253 7.06 -8.18 14.59
CA LYS A 253 6.80 -7.94 16.00
C LYS A 253 6.48 -6.48 16.29
N ALA A 254 6.93 -5.57 15.43
CA ALA A 254 6.63 -4.15 15.63
C ALA A 254 5.16 -3.86 15.33
N ALA A 255 4.62 -4.48 14.29
CA ALA A 255 3.19 -4.31 13.99
C ALA A 255 2.32 -4.92 15.07
N LYS A 256 2.83 -5.93 15.78
CA LYS A 256 2.10 -6.52 16.89
C LYS A 256 1.82 -5.47 17.98
N LYS A 257 2.81 -4.66 18.30
CA LYS A 257 2.66 -3.67 19.36
C LYS A 257 1.87 -2.44 18.92
N VAL A 258 1.98 -2.06 17.65
CA VAL A 258 1.25 -0.90 17.16
C VAL A 258 -0.24 -1.18 17.13
N MET A 259 -0.63 -2.38 16.70
CA MET A 259 -2.04 -2.74 16.67
C MET A 259 -2.62 -2.84 18.08
N GLU A 260 -1.85 -3.40 19.02
CA GLU A 260 -2.33 -3.51 20.40
C GLU A 260 -2.44 -2.13 21.04
N SER A 261 -1.51 -1.22 20.73
CA SER A 261 -1.59 0.12 21.29
CA SER A 261 -1.59 0.12 21.28
C SER A 261 -2.76 0.90 20.71
N PHE A 262 -3.15 0.62 19.47
CA PHE A 262 -4.29 1.32 18.86
C PHE A 262 -5.60 0.85 19.47
N ILE A 263 -5.75 -0.46 19.68
CA ILE A 263 -6.99 -1.00 20.21
C ILE A 263 -7.18 -0.56 21.67
N ALA A 264 -6.09 -0.50 22.43
CA ALA A 264 -6.19 -0.20 23.85
C ALA A 264 -6.30 1.29 24.14
N ASP A 265 -5.79 2.14 23.26
CA ASP A 265 -5.70 3.56 23.54
C ASP A 265 -6.38 4.46 22.52
N ARG A 266 -6.33 4.10 21.23
CA ARG A 266 -6.81 4.98 20.18
CA ARG A 266 -6.81 4.98 20.18
C ARG A 266 -8.05 4.46 19.46
N LEU A 267 -8.53 3.26 19.80
CA LEU A 267 -9.69 2.72 19.10
C LEU A 267 -10.97 3.42 19.55
N ASP A 268 -11.10 3.72 20.85
CA ASP A 268 -12.32 4.35 21.35
CA ASP A 268 -12.32 4.35 21.35
C ASP A 268 -12.48 5.78 20.82
N SER A 269 -11.37 6.44 20.49
CA SER A 269 -11.42 7.83 20.03
C SER A 269 -11.11 7.96 18.54
N TYR A 270 -11.31 6.89 17.77
CA TYR A 270 -11.00 6.95 16.34
C TYR A 270 -12.08 7.70 15.58
N GLY A 271 -13.34 7.32 15.77
CA GLY A 271 -14.45 7.89 15.01
C GLY A 271 -14.73 9.36 15.24
N ALA A 272 -14.01 10.01 16.16
CA ALA A 272 -14.23 11.42 16.45
C ALA A 272 -13.04 12.32 16.13
N LEU A 273 -11.83 11.77 16.00
CA LEU A 273 -10.64 12.57 15.75
C LEU A 273 -9.80 12.02 14.61
N ARG A 274 -10.44 11.38 13.62
CA ARG A 274 -9.72 10.93 12.44
C ARG A 274 -9.62 12.01 11.36
N ASN A 275 -10.30 13.14 11.54
CA ASN A 275 -10.17 14.28 10.64
C ASN A 275 -9.35 15.40 11.26
N ASP A 276 -8.72 15.15 12.42
CA ASP A 276 -7.93 16.17 13.11
C ASP A 276 -6.45 15.82 13.00
N PRO A 277 -5.74 16.39 12.02
CA PRO A 277 -4.30 16.05 11.87
C PRO A 277 -3.42 16.59 12.97
N THR A 278 -3.95 17.41 13.89
CA THR A 278 -3.15 17.87 15.02
C THR A 278 -2.96 16.79 16.08
N LYS A 279 -3.77 15.74 16.05
CA LYS A 279 -3.68 14.64 17.00
C LYS A 279 -3.24 13.38 16.27
N ASN A 280 -2.39 12.59 16.92
CA ASN A 280 -1.99 11.29 16.40
C ASN A 280 -2.97 10.23 16.90
N MET A 281 -4.16 10.27 16.31
CA MET A 281 -5.27 9.41 16.74
C MET A 281 -5.51 8.26 15.76
N LEU A 282 -4.68 8.10 14.75
CA LEU A 282 -4.84 7.02 13.79
C LEU A 282 -4.15 5.76 14.29
N SER A 283 -4.39 4.65 13.58
CA SER A 283 -3.79 3.38 13.96
C SER A 283 -2.31 3.29 13.59
N ASN A 284 -1.88 4.04 12.57
CA ASN A 284 -0.49 4.05 12.13
C ASN A 284 -0.02 2.67 11.68
N LEU A 285 -0.93 1.88 11.13
CA LEU A 285 -0.62 0.53 10.67
C LEU A 285 -0.33 0.45 9.18
N SER A 286 -0.41 1.56 8.45
CA SER A 286 -0.33 1.56 7.00
C SER A 286 1.03 1.12 6.46
N PRO A 287 2.17 1.54 7.05
CA PRO A 287 3.45 1.02 6.55
C PRO A 287 3.61 -0.47 6.83
N TYR A 288 3.02 -0.98 7.90
CA TYR A 288 3.03 -2.41 8.16
C TYR A 288 2.04 -3.15 7.27
N LEU A 289 1.00 -2.47 6.80
CA LEU A 289 0.05 -3.09 5.89
C LEU A 289 0.58 -3.13 4.46
N HIS A 290 1.19 -2.04 4.00
CA HIS A 290 1.65 -1.95 2.61
C HIS A 290 2.68 -3.03 2.31
N PHE A 291 3.75 -3.08 3.08
CA PHE A 291 4.79 -4.09 2.88
C PHE A 291 4.34 -5.48 3.27
N GLY A 292 3.14 -5.63 3.80
CA GLY A 292 2.66 -6.94 4.20
C GLY A 292 3.23 -7.47 5.49
N GLN A 293 3.75 -6.60 6.35
CA GLN A 293 4.26 -7.01 7.65
C GLN A 293 3.14 -7.33 8.64
N ILE A 294 1.90 -7.01 8.29
CA ILE A 294 0.75 -7.31 9.15
C ILE A 294 -0.44 -7.58 8.26
N SER A 295 -1.37 -8.39 8.76
CA SER A 295 -2.56 -8.78 8.01
C SER A 295 -3.75 -7.95 8.46
N SER A 296 -4.48 -7.38 7.48
CA SER A 296 -5.68 -6.63 7.80
C SER A 296 -6.76 -7.54 8.40
N GLN A 297 -6.77 -8.82 8.00
CA GLN A 297 -7.72 -9.76 8.60
C GLN A 297 -7.43 -9.97 10.07
N ARG A 298 -6.15 -10.00 10.45
CA ARG A 298 -5.80 -10.12 11.86
C ARG A 298 -6.19 -8.85 12.63
N VAL A 299 -6.05 -7.69 12.00
CA VAL A 299 -6.44 -6.44 12.64
C VAL A 299 -7.95 -6.40 12.85
N VAL A 300 -8.72 -6.84 11.85
CA VAL A 300 -10.17 -6.82 11.97
C VAL A 300 -10.63 -7.81 13.03
N LEU A 301 -9.96 -8.97 13.12
CA LEU A 301 -10.34 -9.98 14.11
C LEU A 301 -10.20 -9.44 15.52
N GLU A 302 -9.06 -8.79 15.82
CA GLU A 302 -8.86 -8.24 17.15
C GLU A 302 -9.77 -7.04 17.40
N VAL A 303 -10.11 -6.29 16.36
CA VAL A 303 -10.99 -5.14 16.52
C VAL A 303 -12.42 -5.58 16.73
N GLU A 304 -12.87 -6.60 15.99
CA GLU A 304 -14.24 -7.06 16.08
C GLU A 304 -14.56 -7.64 17.45
N LYS A 305 -13.56 -8.20 18.13
CA LYS A 305 -13.76 -8.75 19.47
C LYS A 305 -13.49 -7.73 20.57
N ALA A 306 -12.90 -6.59 20.23
CA ALA A 306 -12.64 -5.54 21.23
C ALA A 306 -13.91 -4.75 21.50
N GLU A 307 -14.10 -4.36 22.75
CA GLU A 307 -15.28 -3.62 23.19
C GLU A 307 -14.94 -2.14 23.26
N SER A 308 -15.61 -1.35 22.43
CA SER A 308 -15.36 0.09 22.38
C SER A 308 -16.61 0.78 21.84
N ASN A 309 -16.47 2.03 21.43
CA ASN A 309 -17.58 2.79 20.88
C ASN A 309 -18.03 2.18 19.56
N PRO A 310 -19.31 1.86 19.39
CA PRO A 310 -19.78 1.38 18.09
C PRO A 310 -19.61 2.38 16.97
N GLY A 311 -19.67 3.68 17.29
CA GLY A 311 -19.40 4.69 16.28
C GLY A 311 -17.95 4.74 15.86
N SER A 312 -17.03 4.42 16.78
CA SER A 312 -15.61 4.38 16.43
C SER A 312 -15.23 3.07 15.74
N LYS A 313 -15.88 1.97 16.10
CA LYS A 313 -15.61 0.70 15.44
C LYS A 313 -16.02 0.74 13.97
N LYS A 314 -17.23 1.25 13.70
CA LYS A 314 -17.70 1.35 12.32
C LYS A 314 -16.81 2.28 11.50
N ALA A 315 -16.26 3.32 12.12
CA ALA A 315 -15.40 4.25 11.39
C ALA A 315 -14.09 3.59 10.98
N PHE A 316 -13.54 2.72 11.82
CA PHE A 316 -12.27 2.09 11.50
C PHE A 316 -12.45 0.93 10.54
N LEU A 317 -13.51 0.13 10.71
CA LEU A 317 -13.75 -0.97 9.78
C LEU A 317 -14.05 -0.46 8.39
N ASP A 318 -14.76 0.66 8.28
CA ASP A 318 -15.05 1.24 6.97
C ASP A 318 -13.79 1.75 6.27
N GLU A 319 -12.70 1.96 7.01
CA GLU A 319 -11.46 2.41 6.41
C GLU A 319 -10.54 1.25 6.06
N ILE A 320 -10.46 0.23 6.92
CA ILE A 320 -9.56 -0.89 6.69
C ILE A 320 -10.19 -2.00 5.87
N LEU A 321 -11.52 -2.03 5.73
CA LEU A 321 -12.20 -3.03 4.93
C LEU A 321 -12.74 -2.45 3.63
N ILE A 322 -13.54 -1.39 3.71
CA ILE A 322 -14.22 -0.84 2.55
C ILE A 322 -13.21 -0.10 1.67
N TRP A 323 -12.70 1.02 2.18
CA TRP A 323 -11.83 1.87 1.36
C TRP A 323 -10.50 1.21 1.03
N LYS A 324 -10.05 0.27 1.87
CA LYS A 324 -8.79 -0.40 1.59
C LYS A 324 -8.95 -1.44 0.48
N GLU A 325 -9.98 -2.28 0.57
CA GLU A 325 -10.17 -3.33 -0.43
C GLU A 325 -10.87 -2.82 -1.68
N ILE A 326 -11.52 -1.66 -1.63
CA ILE A 326 -12.02 -1.05 -2.85
C ILE A 326 -10.89 -0.42 -3.65
N SER A 327 -9.74 -0.14 -3.01
CA SER A 327 -8.57 0.32 -3.75
C SER A 327 -7.99 -0.81 -4.61
N ASP A 328 -7.94 -2.03 -4.07
CA ASP A 328 -7.58 -3.18 -4.89
C ASP A 328 -8.64 -3.43 -5.96
N ASN A 329 -9.90 -3.12 -5.67
CA ASN A 329 -10.95 -3.23 -6.68
C ASN A 329 -10.77 -2.20 -7.79
N PHE A 330 -10.26 -1.01 -7.45
CA PHE A 330 -10.03 0.00 -8.47
C PHE A 330 -8.83 -0.34 -9.35
N CYS A 331 -7.77 -0.86 -8.76
CA CYS A 331 -6.57 -1.19 -9.52
C CYS A 331 -6.71 -2.49 -10.30
N TYR A 332 -7.62 -3.37 -9.90
CA TYR A 332 -7.78 -4.65 -10.59
C TYR A 332 -8.62 -4.50 -11.85
N TYR A 333 -9.76 -3.84 -11.75
CA TYR A 333 -10.71 -3.73 -12.86
C TYR A 333 -10.50 -2.50 -13.71
N ASN A 334 -9.49 -1.67 -13.43
CA ASN A 334 -9.16 -0.50 -14.23
C ASN A 334 -7.69 -0.54 -14.59
N PRO A 335 -7.34 -0.97 -15.81
CA PRO A 335 -5.93 -1.00 -16.20
C PRO A 335 -5.26 0.37 -16.13
N GLY A 336 -5.99 1.43 -16.49
CA GLY A 336 -5.44 2.77 -16.43
C GLY A 336 -5.76 3.45 -15.11
N TYR A 337 -5.54 2.75 -14.00
CA TYR A 337 -5.88 3.28 -12.68
C TYR A 337 -5.10 4.55 -12.35
N ASP A 338 -3.95 4.77 -12.99
CA ASP A 338 -3.14 5.95 -12.74
C ASP A 338 -3.24 6.97 -13.88
N GLY A 339 -4.30 6.89 -14.69
CA GLY A 339 -4.47 7.77 -15.83
C GLY A 339 -5.80 8.52 -15.78
N PHE A 340 -5.95 9.46 -16.71
CA PHE A 340 -7.16 10.27 -16.78
C PHE A 340 -8.35 9.48 -17.29
N GLU A 341 -8.13 8.34 -17.94
CA GLU A 341 -9.22 7.57 -18.53
C GLU A 341 -10.02 6.79 -17.50
N SER A 342 -9.45 6.50 -16.33
CA SER A 342 -10.17 5.79 -15.28
C SER A 342 -11.13 6.68 -14.51
N PHE A 343 -11.16 7.98 -14.81
CA PHE A 343 -12.07 8.89 -14.14
C PHE A 343 -13.52 8.58 -14.54
N PRO A 344 -14.49 8.94 -13.70
CA PRO A 344 -15.88 8.79 -14.10
C PRO A 344 -16.23 9.73 -15.24
N SER A 345 -17.29 9.36 -15.96
CA SER A 345 -17.67 10.12 -17.15
C SER A 345 -18.05 11.56 -16.81
N TRP A 346 -18.67 11.76 -15.65
CA TRP A 346 -19.04 13.12 -15.24
C TRP A 346 -17.82 13.95 -14.88
N ALA A 347 -16.75 13.31 -14.39
CA ALA A 347 -15.55 14.05 -14.01
C ALA A 347 -14.70 14.40 -15.22
N LYS A 348 -14.65 13.52 -16.22
CA LYS A 348 -13.90 13.83 -17.43
C LYS A 348 -14.55 15.00 -18.18
N GLU A 349 -15.88 15.02 -18.24
CA GLU A 349 -16.56 16.12 -18.90
C GLU A 349 -16.44 17.41 -18.10
N SER A 350 -16.45 17.30 -16.77
CA SER A 350 -16.34 18.49 -15.92
C SER A 350 -14.94 19.09 -16.00
N LEU A 351 -13.90 18.25 -15.91
CA LEU A 351 -12.54 18.74 -15.97
C LEU A 351 -12.19 19.25 -17.36
N ASN A 352 -12.73 18.62 -18.41
CA ASN A 352 -12.48 19.09 -19.77
C ASN A 352 -13.13 20.44 -20.03
N ALA A 353 -14.28 20.69 -19.40
CA ALA A 353 -14.98 21.97 -19.53
C ALA A 353 -14.30 23.09 -18.76
N HIS A 354 -13.26 22.79 -17.98
CA HIS A 354 -12.54 23.79 -17.22
C HIS A 354 -11.04 23.70 -17.42
N ARG A 355 -10.59 23.05 -18.49
CA ARG A 355 -9.17 22.93 -18.76
C ARG A 355 -8.55 24.28 -19.13
N ASN A 356 -9.27 25.08 -19.91
CA ASN A 356 -8.79 26.37 -20.38
C ASN A 356 -9.04 27.50 -19.38
N ASP A 357 -9.53 27.17 -18.19
CA ASP A 357 -9.73 28.19 -17.17
C ASP A 357 -8.38 28.66 -16.63
N VAL A 358 -8.25 29.97 -16.44
CA VAL A 358 -7.01 30.53 -15.92
C VAL A 358 -6.82 30.06 -14.48
N ARG A 359 -5.73 29.34 -14.23
CA ARG A 359 -5.45 28.88 -12.88
C ARG A 359 -5.00 30.04 -11.99
N SER A 360 -5.23 29.90 -10.69
CA SER A 360 -4.83 30.93 -9.74
C SER A 360 -3.31 31.07 -9.71
N HIS A 361 -2.60 29.95 -9.57
CA HIS A 361 -1.14 29.95 -9.58
C HIS A 361 -0.67 28.59 -10.04
N ILE A 362 0.44 28.57 -10.78
CA ILE A 362 1.00 27.35 -11.33
C ILE A 362 2.41 27.19 -10.77
N TYR A 363 2.64 26.05 -10.10
CA TYR A 363 3.95 25.71 -9.56
C TYR A 363 4.49 24.47 -10.26
N THR A 364 5.80 24.31 -10.20
CA THR A 364 6.45 23.15 -10.80
CA THR A 364 6.46 23.16 -10.80
C THR A 364 6.63 22.04 -9.77
N LEU A 365 7.09 20.88 -10.26
CA LEU A 365 7.29 19.73 -9.37
C LEU A 365 8.32 20.04 -8.28
N GLU A 366 9.33 20.86 -8.59
CA GLU A 366 10.34 21.18 -7.60
C GLU A 366 9.78 22.08 -6.50
N GLU A 367 8.77 22.90 -6.81
CA GLU A 367 8.17 23.75 -5.80
C GLU A 367 7.21 22.98 -4.92
N PHE A 368 6.45 22.05 -5.50
CA PHE A 368 5.57 21.20 -4.70
CA PHE A 368 5.56 21.22 -4.68
C PHE A 368 6.36 20.23 -3.83
N GLU A 369 7.53 19.80 -4.31
CA GLU A 369 8.35 18.85 -3.56
C GLU A 369 9.00 19.52 -2.35
N ALA A 370 9.49 20.74 -2.52
CA ALA A 370 10.12 21.48 -1.44
C ALA A 370 9.10 22.20 -0.56
N GLY A 371 7.82 22.17 -0.92
CA GLY A 371 6.80 22.87 -0.15
C GLY A 371 6.93 24.37 -0.24
N LYS A 372 7.09 24.89 -1.46
CA LYS A 372 7.26 26.32 -1.66
C LYS A 372 6.06 26.92 -2.37
N THR A 373 4.89 26.89 -1.75
CA THR A 373 3.67 27.44 -2.30
C THR A 373 3.20 28.61 -1.43
N HIS A 374 2.05 29.16 -1.81
CA HIS A 374 1.44 30.27 -1.09
C HIS A 374 0.50 29.80 0.00
N ASP A 375 0.48 28.51 0.31
CA ASP A 375 -0.42 27.95 1.32
C ASP A 375 0.39 27.33 2.45
N PRO A 376 0.40 27.94 3.64
CA PRO A 376 1.15 27.34 4.75
C PRO A 376 0.58 26.00 5.19
N LEU A 377 -0.73 25.80 5.07
CA LEU A 377 -1.31 24.51 5.41
C LEU A 377 -0.87 23.43 4.44
N TRP A 378 -0.77 23.77 3.14
CA TRP A 378 -0.25 22.81 2.17
C TRP A 378 1.24 22.57 2.40
N ASN A 379 1.99 23.64 2.68
CA ASN A 379 3.42 23.48 2.93
C ASN A 379 3.68 22.62 4.17
N ALA A 380 2.84 22.78 5.20
CA ALA A 380 2.98 21.95 6.39
C ALA A 380 2.64 20.49 6.09
N SER A 381 1.71 20.25 5.18
CA SER A 381 1.38 18.87 4.80
C SER A 381 2.50 18.24 3.99
N GLN A 382 3.20 19.03 3.18
CA GLN A 382 4.34 18.50 2.43
C GLN A 382 5.52 18.24 3.34
N MET A 383 5.74 19.11 4.34
CA MET A 383 6.85 18.91 5.26
CA MET A 383 6.84 18.92 5.26
C MET A 383 6.64 17.65 6.10
N GLU A 384 5.40 17.38 6.52
CA GLU A 384 5.12 16.14 7.23
C GLU A 384 5.35 14.93 6.34
N LEU A 385 5.07 15.07 5.04
CA LEU A 385 5.34 13.99 4.10
C LEU A 385 6.84 13.79 3.92
N LEU A 386 7.61 14.88 3.96
CA LEU A 386 9.05 14.78 3.78
C LEU A 386 9.75 14.26 5.02
N SER A 387 9.29 14.68 6.21
CA SER A 387 10.01 14.36 7.44
C SER A 387 9.64 12.97 7.97
N THR A 388 8.35 12.63 7.99
CA THR A 388 7.91 11.38 8.58
C THR A 388 7.62 10.30 7.56
N GLY A 389 7.40 10.65 6.30
CA GLY A 389 7.01 9.66 5.31
C GLY A 389 5.61 9.12 5.49
N LYS A 390 4.80 9.73 6.35
CA LYS A 390 3.43 9.28 6.59
C LYS A 390 2.62 10.52 7.00
N MET A 391 2.01 11.15 6.01
CA MET A 391 1.22 12.36 6.25
C MET A 391 -0.20 11.96 6.64
N HIS A 392 -0.82 12.80 7.46
CA HIS A 392 -2.14 12.49 8.00
C HIS A 392 -3.16 12.30 6.88
N GLY A 393 -4.14 11.42 7.13
CA GLY A 393 -5.07 11.04 6.08
C GLY A 393 -5.91 12.19 5.57
N TYR A 394 -6.34 13.07 6.47
CA TYR A 394 -7.17 14.20 6.04
C TYR A 394 -6.37 15.19 5.20
N THR A 395 -5.14 15.48 5.61
CA THR A 395 -4.30 16.40 4.85
C THR A 395 -3.89 15.84 3.49
N ARG A 396 -3.96 14.51 3.36
CA ARG A 396 -3.67 13.86 2.07
C ARG A 396 -4.74 14.32 1.06
N MET A 397 -5.97 14.47 1.51
CA MET A 397 -7.04 14.95 0.63
C MET A 397 -6.80 16.40 0.22
N TYR A 398 -6.32 17.22 1.17
CA TYR A 398 -6.05 18.63 0.86
C TYR A 398 -4.78 18.77 0.02
N TRP A 399 -3.74 18.00 0.35
CA TRP A 399 -2.47 18.13 -0.35
C TRP A 399 -2.59 17.71 -1.82
N ALA A 400 -3.49 16.77 -2.13
CA ALA A 400 -3.66 16.31 -3.50
C ALA A 400 -4.65 17.15 -4.29
N LYS A 401 -5.70 17.64 -3.65
CA LYS A 401 -6.69 18.46 -4.36
C LYS A 401 -6.11 19.83 -4.72
N LYS A 402 -5.26 20.38 -3.86
CA LYS A 402 -4.61 21.65 -4.18
C LYS A 402 -3.59 21.50 -5.30
N ILE A 403 -3.08 20.28 -5.53
CA ILE A 403 -2.23 20.05 -6.69
C ILE A 403 -3.03 20.24 -7.97
N LEU A 404 -4.28 19.75 -7.99
CA LEU A 404 -5.14 19.92 -9.16
C LEU A 404 -5.46 21.39 -9.41
N GLU A 405 -5.66 22.16 -8.35
CA GLU A 405 -5.96 23.57 -8.51
C GLU A 405 -4.75 24.36 -9.00
N TRP A 406 -3.54 23.87 -8.72
CA TRP A 406 -2.32 24.58 -9.08
C TRP A 406 -1.48 23.79 -10.09
N SER A 407 -2.14 23.07 -10.98
CA SER A 407 -1.47 22.35 -12.05
C SER A 407 -1.94 22.89 -13.41
N GLU A 408 -1.12 22.65 -14.43
CA GLU A 408 -1.46 23.12 -15.77
C GLU A 408 -2.61 22.33 -16.39
N SER A 409 -2.84 21.11 -15.93
CA SER A 409 -3.88 20.26 -16.47
C SER A 409 -4.11 19.10 -15.50
N PRO A 410 -5.28 18.46 -15.56
CA PRO A 410 -5.51 17.30 -14.67
C PRO A 410 -4.48 16.19 -14.85
N GLU A 411 -4.00 15.97 -16.06
CA GLU A 411 -2.99 14.93 -16.28
C GLU A 411 -1.67 15.28 -15.61
N LYS A 412 -1.35 16.57 -15.50
CA LYS A 412 -0.16 16.98 -14.77
C LYS A 412 -0.36 16.83 -13.27
N ALA A 413 -1.57 17.10 -12.78
CA ALA A 413 -1.85 16.93 -11.36
C ALA A 413 -1.76 15.47 -10.96
N LEU A 414 -2.17 14.56 -11.85
CA LEU A 414 -2.01 13.14 -11.57
C LEU A 414 -0.54 12.74 -11.50
N GLU A 415 0.28 13.25 -12.42
CA GLU A 415 1.70 12.90 -12.43
C GLU A 415 2.41 13.43 -11.20
N ILE A 416 2.12 14.67 -10.80
CA ILE A 416 2.78 15.24 -9.63
C ILE A 416 2.34 14.53 -8.36
N ALA A 417 1.05 14.23 -8.23
CA ALA A 417 0.56 13.59 -7.02
C ALA A 417 1.13 12.19 -6.85
N ILE A 418 1.13 11.40 -7.94
CA ILE A 418 1.65 10.05 -7.87
C ILE A 418 3.16 10.06 -7.65
N CYS A 419 3.86 11.09 -8.14
CA CYS A 419 5.30 11.15 -7.94
C CYS A 419 5.64 11.40 -6.48
N LEU A 420 5.08 12.45 -5.88
CA LEU A 420 5.38 12.76 -4.48
C LEU A 420 4.84 11.71 -3.54
N ASN A 421 3.82 10.97 -3.95
CA ASN A 421 3.26 9.90 -3.09
C ASN A 421 4.18 8.68 -3.11
N ASP A 422 4.48 8.18 -4.30
CA ASP A 422 5.30 6.98 -4.40
C ASP A 422 6.71 7.19 -3.87
N ARG A 423 7.20 8.42 -3.85
CA ARG A 423 8.60 8.68 -3.48
C ARG A 423 8.78 8.81 -1.97
N TYR A 424 7.91 9.56 -1.30
CA TYR A 424 8.11 9.89 0.10
C TYR A 424 7.19 9.14 1.07
N GLU A 425 6.06 8.61 0.60
CA GLU A 425 5.16 7.88 1.49
C GLU A 425 5.75 6.50 1.80
N LEU A 426 5.86 6.20 3.09
CA LEU A 426 6.29 4.86 3.49
C LEU A 426 5.28 3.81 3.05
N ASP A 427 4.02 4.22 2.99
CA ASP A 427 2.93 3.37 2.51
C ASP A 427 2.71 3.64 1.01
N GLY A 428 3.64 4.31 0.33
CA GLY A 428 3.50 4.62 -1.08
C GLY A 428 3.64 3.40 -1.97
N ARG A 429 3.37 3.62 -3.26
CA ARG A 429 3.37 2.55 -4.26
C ARG A 429 2.40 1.44 -3.86
N ASP A 430 1.22 1.84 -3.41
CA ASP A 430 0.16 0.96 -2.94
C ASP A 430 -1.13 1.28 -3.69
N PRO A 431 -1.96 0.27 -3.95
CA PRO A 431 -3.28 0.55 -4.56
C PRO A 431 -4.12 1.53 -3.78
N ASN A 432 -3.89 1.68 -2.48
CA ASN A 432 -4.61 2.68 -1.70
C ASN A 432 -4.28 4.09 -2.16
N GLY A 433 -3.02 4.32 -2.55
CA GLY A 433 -2.63 5.65 -2.98
C GLY A 433 -3.27 6.06 -4.29
N TYR A 434 -3.18 5.19 -5.31
CA TYR A 434 -3.75 5.51 -6.61
C TYR A 434 -5.26 5.71 -6.51
N ALA A 435 -5.95 4.86 -5.75
CA ALA A 435 -7.38 5.03 -5.54
C ALA A 435 -7.67 6.28 -4.72
N GLY A 436 -6.76 6.67 -3.82
CA GLY A 436 -6.93 7.90 -3.08
C GLY A 436 -6.56 9.13 -3.88
N ILE A 437 -5.64 9.00 -4.84
CA ILE A 437 -5.28 10.11 -5.70
C ILE A 437 -6.33 10.32 -6.78
N ALA A 438 -6.86 9.22 -7.33
CA ALA A 438 -7.92 9.32 -8.33
C ALA A 438 -9.20 9.89 -7.75
N TRP A 439 -9.37 9.86 -6.43
CA TRP A 439 -10.53 10.48 -5.79
C TRP A 439 -10.35 11.98 -5.61
N SER A 440 -9.13 12.40 -5.22
CA SER A 440 -8.90 13.82 -4.97
C SER A 440 -8.87 14.61 -6.27
N ILE A 441 -8.33 14.03 -7.34
CA ILE A 441 -8.19 14.73 -8.60
C ILE A 441 -9.27 14.37 -9.61
N GLY A 442 -9.88 13.18 -9.50
CA GLY A 442 -10.89 12.77 -10.46
C GLY A 442 -12.21 12.36 -9.87
N GLY A 443 -12.34 12.48 -8.55
CA GLY A 443 -13.59 12.12 -7.89
C GLY A 443 -13.95 10.65 -8.00
N VAL A 444 -12.96 9.76 -8.10
CA VAL A 444 -13.24 8.34 -8.16
C VAL A 444 -13.83 7.89 -6.84
N HIS A 445 -14.96 7.18 -6.90
CA HIS A 445 -15.72 6.76 -5.72
C HIS A 445 -16.23 7.97 -4.94
N ASP A 446 -16.73 8.97 -5.66
CA ASP A 446 -17.29 10.17 -5.05
C ASP A 446 -18.59 10.55 -5.75
N ARG A 447 -18.84 11.85 -5.87
CA ARG A 447 -20.03 12.35 -6.56
C ARG A 447 -19.72 13.74 -7.10
N ALA A 448 -20.69 14.29 -7.84
CA ALA A 448 -20.54 15.61 -8.44
C ALA A 448 -21.08 16.67 -7.48
N TRP A 449 -20.29 17.73 -7.27
CA TRP A 449 -20.65 18.81 -6.37
C TRP A 449 -20.94 20.07 -7.18
N GLY A 450 -20.93 21.23 -6.51
CA GLY A 450 -21.18 22.47 -7.19
C GLY A 450 -20.07 22.79 -8.19
N GLU A 451 -20.46 23.33 -9.34
CA GLU A 451 -19.49 23.62 -10.39
C GLU A 451 -18.67 24.85 -10.04
N ARG A 452 -17.36 24.70 -10.06
CA ARG A 452 -16.43 25.80 -9.86
C ARG A 452 -15.49 25.90 -11.05
N GLU A 453 -14.68 26.95 -11.06
CA GLU A 453 -13.69 27.10 -12.11
C GLU A 453 -12.48 26.22 -11.83
N VAL A 454 -11.76 25.87 -12.90
CA VAL A 454 -10.55 25.05 -12.84
C VAL A 454 -10.87 23.64 -12.36
N THR A 455 -11.47 23.53 -11.17
CA THR A 455 -11.73 22.21 -10.60
C THR A 455 -13.03 21.59 -11.12
N GLY A 456 -13.98 22.41 -11.55
CA GLY A 456 -15.22 21.87 -12.08
C GLY A 456 -16.13 21.38 -10.97
N LYS A 457 -16.63 20.16 -11.12
CA LYS A 457 -17.54 19.56 -10.14
C LYS A 457 -16.83 18.67 -9.13
N ILE A 458 -15.49 18.57 -9.21
CA ILE A 458 -14.76 17.81 -8.22
C ILE A 458 -14.92 18.47 -6.85
N ARG A 459 -15.04 17.65 -5.81
CA ARG A 459 -15.26 18.16 -4.47
C ARG A 459 -14.12 19.09 -4.06
N TYR A 460 -14.47 20.31 -3.67
CA TYR A 460 -13.49 21.33 -3.32
C TYR A 460 -13.37 21.45 -1.80
N MET A 461 -12.13 21.54 -1.33
CA MET A 461 -11.84 21.74 0.09
C MET A 461 -11.03 23.02 0.23
N SER A 462 -11.59 23.99 0.95
CA SER A 462 -10.97 25.29 1.10
C SER A 462 -10.11 25.34 2.37
N TYR A 463 -9.16 26.28 2.38
CA TYR A 463 -8.34 26.49 3.55
C TYR A 463 -9.16 27.01 4.73
N GLU A 464 -10.16 27.85 4.44
CA GLU A 464 -11.05 28.32 5.50
C GLU A 464 -11.93 27.18 6.02
N GLY A 465 -12.28 26.24 5.16
CA GLY A 465 -13.04 25.08 5.61
C GLY A 465 -12.24 24.19 6.54
N CYS A 466 -10.92 24.19 6.42
CA CYS A 466 -10.07 23.43 7.33
C CYS A 466 -9.90 24.15 8.67
N LYS A 467 -9.95 25.49 8.66
CA LYS A 467 -9.84 26.23 9.91
C LYS A 467 -11.00 25.92 10.83
N ARG A 468 -12.20 25.79 10.29
CA ARG A 468 -13.37 25.40 11.06
C ARG A 468 -13.43 23.90 11.32
N LYS A 469 -12.45 23.14 10.85
CA LYS A 469 -12.40 21.70 11.09
C LYS A 469 -11.37 21.31 12.15
N PHE A 470 -10.25 22.01 12.21
CA PHE A 470 -9.22 21.71 13.19
C PHE A 470 -8.31 22.93 13.35
N ASP A 471 -7.44 22.87 14.35
CA ASP A 471 -6.49 23.95 14.62
C ASP A 471 -5.41 23.91 13.54
N VAL A 472 -5.58 24.73 12.51
CA VAL A 472 -4.60 24.77 11.42
C VAL A 472 -3.28 25.36 11.90
N LYS A 473 -3.32 26.27 12.88
CA LYS A 473 -2.09 26.90 13.35
C LYS A 473 -1.21 25.92 14.11
N LEU A 474 -1.80 24.95 14.80
CA LEU A 474 -1.01 23.96 15.51
C LEU A 474 -0.35 22.98 14.54
N TYR A 475 -1.05 22.63 13.46
CA TYR A 475 -0.48 21.72 12.48
C TYR A 475 0.66 22.36 11.70
N ILE A 476 0.61 23.68 11.52
CA ILE A 476 1.68 24.37 10.81
C ILE A 476 2.90 24.55 11.71
N GLU A 477 2.69 24.97 12.96
CA GLU A 477 3.80 25.16 13.88
C GLU A 477 4.46 23.84 14.26
N LYS A 478 3.76 22.71 14.12
CA LYS A 478 4.36 21.43 14.44
C LYS A 478 5.39 21.01 13.40
N TYR A 479 5.15 21.33 12.13
CA TYR A 479 6.04 20.97 11.02
C TYR A 479 6.58 22.25 10.40
N SER A 480 7.57 22.85 11.06
CA SER A 480 8.19 24.07 10.58
C SER A 480 8.96 23.83 9.28
S SO4 B . 14.68 9.66 2.00
O1 SO4 B . 14.53 10.89 2.79
O2 SO4 B . 15.29 8.63 2.83
O3 SO4 B . 13.37 9.22 1.55
O4 SO4 B . 15.53 9.93 0.85
S SO4 C . -20.66 6.42 0.13
O1 SO4 C . -21.45 7.65 0.10
O2 SO4 C . -21.21 5.51 1.13
O3 SO4 C . -20.70 5.79 -1.19
O4 SO4 C . -19.27 6.75 0.48
PA FAD D . -5.98 4.81 9.52
O1A FAD D . -7.14 5.66 9.77
O2A FAD D . -5.51 4.03 10.91
O5B FAD D . -6.35 3.69 8.32
C5B FAD D . -6.13 2.29 8.59
C4B FAD D . -6.01 1.59 7.36
O4B FAD D . -7.24 1.55 6.69
C3B FAD D . -5.12 2.18 6.52
O3B FAD D . -3.80 1.76 6.76
C2B FAD D . -5.53 1.82 5.27
O2B FAD D . -5.05 0.52 4.94
C1B FAD D . -6.88 1.81 5.32
N9A FAD D . -7.35 3.01 4.92
C8A FAD D . -7.69 3.95 5.72
N7A FAD D . -8.11 5.00 4.99
C5A FAD D . -8.00 4.64 3.66
C6A FAD D . -8.25 5.24 2.43
N6A FAD D . -8.77 6.60 2.35
N1A FAD D . -8.01 4.57 1.31
C2A FAD D . -7.54 3.33 1.35
N3A FAD D . -7.28 2.70 2.49
C4A FAD D . -7.49 3.31 3.66
N1 FAD D . -2.52 4.80 1.56
C2 FAD D . -1.44 4.00 1.39
O2 FAD D . -1.40 2.80 1.97
N3 FAD D . -0.42 4.42 0.64
C4 FAD D . -0.44 5.59 0.06
O4 FAD D . 0.61 5.98 -0.68
C4X FAD D . -1.52 6.43 0.22
N5 FAD D . -1.42 7.57 -0.41
C5X FAD D . -2.54 8.31 -0.30
C6 FAD D . -2.53 9.49 -1.02
C7 FAD D . -3.64 10.34 -1.01
C7M FAD D . -3.60 11.65 -1.82
C8 FAD D . -4.77 9.98 -0.26
C8M FAD D . -6.02 10.91 -0.21
C9 FAD D . -4.78 8.80 0.46
C9A FAD D . -3.67 7.93 0.47
N10 FAD D . -3.65 6.81 1.13
C10 FAD D . -2.60 6.03 0.99
C1' FAD D . -4.83 6.36 1.96
C2' FAD D . -4.78 6.91 3.39
O2' FAD D . -4.50 8.15 3.40
C3' FAD D . -3.84 6.21 4.21
O3' FAD D . -4.01 4.90 4.03
C4' FAD D . -3.97 6.46 5.59
O4' FAD D . -3.78 7.70 5.88
C5' FAD D . -2.91 5.61 6.26
O5' FAD D . -2.49 6.14 7.55
P FAD D . -3.11 5.40 8.96
O1P FAD D . -2.94 3.96 8.90
O2P FAD D . -2.33 5.99 10.29
O3P FAD D . -4.73 5.81 9.00
S SO4 E . -6.34 -28.64 -0.57
O1 SO4 E . -7.07 -27.47 -0.10
O2 SO4 E . -6.79 -29.83 0.17
O3 SO4 E . -6.58 -28.83 -1.99
O4 SO4 E . -4.91 -28.45 -0.34
S1 DTT F . -10.07 8.42 -0.27
C1 DTT F . -11.74 8.95 0.16
C2 DTT F . -12.05 8.72 1.64
O2 DTT F . -11.95 7.34 1.92
C3 DTT F . -13.45 9.21 2.00
O3 DTT F . -13.63 9.12 3.39
C4 DTT F . -13.66 10.65 1.56
S4 DTT F . -15.28 11.30 2.06
#